data_6AX8
#
_entry.id   6AX8
#
_cell.length_a   196.958
_cell.length_b   196.958
_cell.length_c   39.177
_cell.angle_alpha   90.00
_cell.angle_beta   90.00
_cell.angle_gamma   120.00
#
_symmetry.space_group_name_H-M   'H 3'
#
loop_
_entity.id
_entity.type
_entity.pdbx_description
1 polymer 'Methionine-tRNA ligase'
2 non-polymer '[[(2R,3S,4R,5R)-5-(6-aminopurin-9-yl)-3,4-dihydroxy-oxolan-2-yl]methoxy-hydroxy-phosphoryl] (2S)-2-azanyl-4-methylsulfanyl-butanoate'
3 water water
#
_entity_poly.entity_id   1
_entity_poly.type   'polypeptide(L)'
_entity_poly.pdbx_seq_one_letter_code
;MKPYYVTTAIAYPNAAPHVGHAYEYIATDAIARFKRLDRYDVRFLTGTDEHGLKVAQAAAAAGVPTAALARRNSDVFQRM
QEALNISFDRFIRTTDADHHEASKELWRRMSAAGDIYLDNYSGWYSVRDERFFVESETQLVDGTRLTVETGTPVTWTEEQ
TYFFRLSAYTDKLLAHYHANPDFIAPETRRNEVISFVSGGLDDLSISRTSFDWGVQVPEHPDHVMYVWVDALTNYLTGAG
FPDTDSELFRRYWPADLHMIGKDIIRFHAVYWPAFLMSAGIELPRRIFAHGFLHNRGEKMSKSVGNIVDPVALAEALGVD
QVRYFLLREVPFGQDGSYSDEAIVTRINTDLANELGNLAQRSLSMVAKNLDGRVPNPGEFADADAALLATADGLLERVRG
HFDAQAMHLALEAIWLMLGDANKYFSVQQPWVLRKSESEADQARFRTTLYVTCEVVRIAALLIQPVMPESAGKILDLLGQ
APNQRSFAAVGVRLTPGTALPPPTGVFPRYQPPQPPEGK
;
_entity_poly.pdbx_strand_id   A
#
loop_
_chem_comp.id
_chem_comp.type
_chem_comp.name
_chem_comp.formula
ME8 non-polymer '[[(2R,3S,4R,5R)-5-(6-aminopurin-9-yl)-3,4-dihydroxy-oxolan-2-yl]methoxy-hydroxy-phosphoryl] (2S)-2-azanyl-4-methylsulfanyl-butanoate' 'C15 H23 N6 O8 P S'
#
# COMPACT_ATOMS: atom_id res chain seq x y z
N MET A 1 -10.14 -18.42 8.01
CA MET A 1 -10.74 -17.39 7.07
C MET A 1 -11.24 -16.12 7.81
N LYS A 2 -10.45 -15.65 8.79
CA LYS A 2 -10.78 -14.43 9.54
C LYS A 2 -10.83 -13.20 8.59
N PRO A 3 -11.77 -12.27 8.80
CA PRO A 3 -11.83 -11.13 7.86
C PRO A 3 -10.66 -10.16 8.05
N TYR A 4 -10.27 -9.51 6.96
CA TYR A 4 -9.20 -8.52 7.03
C TYR A 4 -9.57 -7.39 6.07
N TYR A 5 -9.77 -6.19 6.61
CA TYR A 5 -10.27 -5.05 5.84
C TYR A 5 -9.14 -4.05 5.83
N VAL A 6 -8.67 -3.72 4.63
CA VAL A 6 -7.47 -2.91 4.45
C VAL A 6 -7.75 -1.86 3.40
N THR A 7 -7.39 -0.60 3.70
CA THR A 7 -7.73 0.53 2.87
C THR A 7 -6.51 1.39 2.51
N THR A 8 -6.59 2.05 1.35
CA THR A 8 -5.63 3.12 0.99
C THR A 8 -6.28 4.51 1.13
N ALA A 9 -5.47 5.51 1.38
CA ALA A 9 -5.95 6.88 1.30
C ALA A 9 -6.44 7.05 -0.13
N ILE A 10 -7.51 7.81 -0.30
CA ILE A 10 -8.13 8.00 -1.61
C ILE A 10 -7.60 9.33 -2.15
N ALA A 11 -7.24 9.35 -3.43
CA ALA A 11 -6.50 10.49 -4.01
C ALA A 11 -7.42 11.59 -4.51
N TYR A 12 -6.97 12.85 -4.44
CA TYR A 12 -7.60 13.94 -5.17
C TYR A 12 -7.30 13.72 -6.64
N PRO A 13 -8.33 13.72 -7.50
CA PRO A 13 -8.07 13.60 -8.93
C PRO A 13 -7.82 14.96 -9.65
N ASN A 14 -7.20 15.91 -8.94
CA ASN A 14 -6.93 17.25 -9.48
C ASN A 14 -5.80 17.27 -10.53
N ALA A 15 -4.92 16.28 -10.47
CA ALA A 15 -3.80 16.12 -11.43
C ALA A 15 -3.68 14.66 -11.79
N ALA A 16 -2.70 14.31 -12.62
CA ALA A 16 -2.41 12.90 -12.91
C ALA A 16 -1.72 12.25 -11.70
N PRO A 17 -1.68 10.90 -11.64
CA PRO A 17 -1.02 10.23 -10.52
C PRO A 17 0.50 10.22 -10.66
N HIS A 18 1.19 10.46 -9.56
CA HIS A 18 2.61 10.37 -9.50
C HIS A 18 2.99 9.05 -8.84
N VAL A 19 4.27 8.82 -8.73
CA VAL A 19 4.82 7.61 -8.15
C VAL A 19 4.44 7.42 -6.68
N GLY A 20 4.36 8.50 -5.95
CA GLY A 20 3.92 8.45 -4.56
C GLY A 20 2.57 7.78 -4.35
N HIS A 21 1.63 8.02 -5.28
CA HIS A 21 0.34 7.33 -5.23
C HIS A 21 0.53 5.83 -5.44
N ALA A 22 1.23 5.48 -6.53
CA ALA A 22 1.53 4.10 -6.88
C ALA A 22 2.33 3.37 -5.81
N TYR A 23 3.16 4.10 -5.07
CA TYR A 23 3.84 3.55 -3.90
C TYR A 23 2.83 3.07 -2.81
N GLU A 24 1.86 3.90 -2.50
CA GLU A 24 0.85 3.56 -1.50
C GLU A 24 -0.01 2.39 -1.93
N TYR A 25 -0.40 2.35 -3.20
CA TYR A 25 -1.25 1.27 -3.70
C TYR A 25 -0.49 -0.06 -3.80
N ILE A 26 0.81 0.02 -4.06
CA ILE A 26 1.61 -1.18 -4.23
C ILE A 26 1.92 -1.80 -2.89
N ALA A 27 2.32 -0.98 -1.93
CA ALA A 27 2.56 -1.46 -0.57
C ALA A 27 1.30 -2.12 -0.03
N THR A 28 0.15 -1.50 -0.26
CA THR A 28 -1.09 -2.01 0.29
C THR A 28 -1.60 -3.22 -0.46
N ASP A 29 -1.31 -3.29 -1.75
CA ASP A 29 -1.62 -4.49 -2.54
C ASP A 29 -0.78 -5.68 -2.11
N ALA A 30 0.47 -5.42 -1.75
CA ALA A 30 1.34 -6.45 -1.18
C ALA A 30 0.76 -7.05 0.11
N ILE A 31 0.32 -6.19 1.02
CA ILE A 31 -0.31 -6.63 2.28
C ILE A 31 -1.60 -7.40 2.00
N ALA A 32 -2.42 -6.87 1.09
CA ALA A 32 -3.67 -7.50 0.71
C ALA A 32 -3.45 -8.93 0.23
N ARG A 33 -2.54 -9.06 -0.74
CA ARG A 33 -2.26 -10.33 -1.40
C ARG A 33 -1.62 -11.34 -0.48
N PHE A 34 -0.69 -10.88 0.35
CA PHE A 34 -0.12 -11.75 1.38
C PHE A 34 -1.21 -12.36 2.21
N LYS A 35 -2.17 -11.55 2.63
CA LYS A 35 -3.24 -12.03 3.48
C LYS A 35 -4.11 -13.06 2.77
N ARG A 36 -4.50 -12.81 1.52
CA ARG A 36 -5.26 -13.79 0.73
C ARG A 36 -4.53 -15.15 0.63
N LEU A 37 -3.23 -15.12 0.34
CA LEU A 37 -2.41 -16.32 0.26
C LEU A 37 -2.25 -17.02 1.63
N ASP A 38 -2.32 -16.24 2.69
CA ASP A 38 -2.27 -16.77 4.04
C ASP A 38 -3.68 -17.07 4.61
N ARG A 39 -4.66 -17.34 3.73
CA ARG A 39 -6.01 -17.77 4.10
C ARG A 39 -6.95 -16.75 4.77
N TYR A 40 -6.62 -15.47 4.82
CA TYR A 40 -7.56 -14.47 5.34
C TYR A 40 -8.60 -14.12 4.25
N ASP A 41 -9.77 -13.66 4.70
CA ASP A 41 -10.83 -13.16 3.84
C ASP A 41 -10.63 -11.66 3.71
N VAL A 42 -10.05 -11.23 2.60
CA VAL A 42 -9.60 -9.84 2.43
C VAL A 42 -10.64 -9.00 1.68
N ARG A 43 -10.95 -7.86 2.26
CA ARG A 43 -11.60 -6.77 1.55
C ARG A 43 -10.57 -5.63 1.45
N PHE A 44 -10.36 -5.12 0.24
CA PHE A 44 -9.31 -4.16 -0.07
C PHE A 44 -9.97 -3.01 -0.78
N LEU A 45 -10.02 -1.86 -0.10
CA LEU A 45 -10.65 -0.64 -0.61
C LEU A 45 -9.62 0.39 -1.06
N THR A 46 -9.85 0.98 -2.23
CA THR A 46 -9.10 2.15 -2.71
C THR A 46 -10.07 3.07 -3.44
N GLY A 47 -9.58 4.18 -3.99
CA GLY A 47 -10.39 5.10 -4.76
C GLY A 47 -9.95 6.56 -4.77
N THR A 48 -10.91 7.46 -4.98
CA THR A 48 -10.63 8.87 -5.20
C THR A 48 -11.54 9.78 -4.38
N ASP A 49 -11.02 10.95 -4.08
CA ASP A 49 -11.64 11.95 -3.25
C ASP A 49 -11.99 13.13 -4.14
N GLU A 50 -13.19 13.10 -4.71
CA GLU A 50 -13.58 14.00 -5.80
C GLU A 50 -14.10 15.38 -5.39
N HIS A 51 -14.35 15.63 -4.12
CA HIS A 51 -14.90 16.93 -3.68
C HIS A 51 -13.81 17.90 -3.27
N GLY A 52 -14.20 19.10 -2.84
CA GLY A 52 -13.27 20.14 -2.39
C GLY A 52 -12.87 21.16 -3.45
N LEU A 53 -12.38 22.30 -2.97
CA LEU A 53 -11.91 23.40 -3.82
C LEU A 53 -10.77 23.00 -4.73
N LYS A 54 -9.78 22.30 -4.18
CA LYS A 54 -8.59 21.89 -4.94
C LYS A 54 -8.95 21.34 -6.30
N VAL A 55 -9.98 20.48 -6.33
CA VAL A 55 -10.49 19.87 -7.56
C VAL A 55 -11.30 20.86 -8.39
N ALA A 56 -12.13 21.66 -7.72
CA ALA A 56 -12.95 22.72 -8.37
C ALA A 56 -12.13 23.80 -9.05
N GLN A 57 -10.99 24.16 -8.45
CA GLN A 57 -10.08 25.15 -9.02
C GLN A 57 -9.30 24.63 -10.21
N ALA A 58 -8.88 23.37 -10.15
CA ALA A 58 -8.27 22.72 -11.32
C ALA A 58 -9.26 22.60 -12.49
N ALA A 59 -10.57 22.53 -12.17
CA ALA A 59 -11.62 22.49 -13.20
C ALA A 59 -11.78 23.83 -13.95
N ALA A 60 -11.84 24.94 -13.20
CA ALA A 60 -11.99 26.28 -13.79
C ALA A 60 -10.76 26.70 -14.60
N ALA A 61 -9.56 26.35 -14.14
CA ALA A 61 -8.31 26.58 -14.88
C ALA A 61 -8.21 25.76 -16.17
N ALA A 62 -8.93 24.64 -16.25
CA ALA A 62 -9.08 23.86 -17.49
C ALA A 62 -10.18 24.42 -18.41
N GLY A 63 -11.20 25.05 -17.83
CA GLY A 63 -12.31 25.66 -18.58
C GLY A 63 -13.45 24.68 -18.78
N VAL A 64 -13.77 23.92 -17.73
CA VAL A 64 -14.71 22.77 -17.80
C VAL A 64 -15.53 22.71 -16.49
N PRO A 65 -16.73 22.06 -16.52
CA PRO A 65 -17.41 21.73 -15.25
C PRO A 65 -16.59 20.81 -14.33
N THR A 66 -16.81 20.92 -13.03
CA THR A 66 -16.02 20.18 -12.04
C THR A 66 -16.26 18.66 -12.14
N ALA A 67 -17.53 18.24 -12.20
CA ALA A 67 -17.88 16.82 -12.31
C ALA A 67 -17.27 16.11 -13.52
N ALA A 68 -17.00 16.87 -14.59
CA ALA A 68 -16.36 16.33 -15.79
C ALA A 68 -14.92 15.92 -15.49
N LEU A 69 -14.13 16.86 -14.95
CA LEU A 69 -12.73 16.59 -14.58
C LEU A 69 -12.65 15.45 -13.53
N ALA A 70 -13.64 15.41 -12.64
CA ALA A 70 -13.73 14.40 -11.60
C ALA A 70 -13.78 13.00 -12.19
N ARG A 71 -14.79 12.74 -13.03
CA ARG A 71 -14.95 11.41 -13.63
C ARG A 71 -13.77 11.04 -14.51
N ARG A 72 -13.26 11.99 -15.30
CA ARG A 72 -12.17 11.73 -16.24
C ARG A 72 -10.90 11.36 -15.51
N ASN A 73 -10.47 12.22 -14.59
CA ASN A 73 -9.22 11.98 -13.86
C ASN A 73 -9.31 10.81 -12.87
N SER A 74 -10.49 10.58 -12.26
CA SER A 74 -10.73 9.35 -11.48
C SER A 74 -10.51 8.07 -12.30
N ASP A 75 -10.94 8.09 -13.57
CA ASP A 75 -10.72 6.95 -14.47
C ASP A 75 -9.23 6.70 -14.70
N VAL A 76 -8.44 7.78 -14.74
CA VAL A 76 -6.99 7.67 -14.97
C VAL A 76 -6.33 6.96 -13.79
N PHE A 77 -6.68 7.36 -12.57
CA PHE A 77 -6.22 6.67 -11.37
C PHE A 77 -6.63 5.21 -11.42
N GLN A 78 -7.89 4.95 -11.72
CA GLN A 78 -8.39 3.59 -11.80
C GLN A 78 -7.64 2.75 -12.83
N ARG A 79 -7.48 3.31 -14.02
CA ARG A 79 -6.78 2.62 -15.09
C ARG A 79 -5.30 2.37 -14.78
N MET A 80 -4.70 3.29 -14.04
CA MET A 80 -3.34 3.19 -13.57
C MET A 80 -3.13 2.04 -12.61
N GLN A 81 -4.12 1.80 -11.77
CA GLN A 81 -4.12 0.73 -10.77
C GLN A 81 -4.36 -0.60 -11.40
N GLU A 82 -5.20 -0.65 -12.45
CA GLU A 82 -5.34 -1.85 -13.28
C GLU A 82 -3.98 -2.25 -13.83
N ALA A 83 -3.26 -1.29 -14.42
CA ALA A 83 -1.94 -1.53 -15.01
C ALA A 83 -0.92 -2.05 -14.00
N LEU A 84 -0.90 -1.45 -12.80
CA LEU A 84 0.01 -1.87 -11.73
C LEU A 84 -0.43 -3.14 -10.99
N ASN A 85 -1.58 -3.69 -11.37
CA ASN A 85 -2.06 -4.98 -10.90
C ASN A 85 -2.49 -4.90 -9.42
N ILE A 86 -3.13 -3.78 -9.06
CA ILE A 86 -3.67 -3.59 -7.71
C ILE A 86 -4.99 -4.36 -7.64
N SER A 87 -5.10 -5.29 -6.70
CA SER A 87 -6.23 -6.21 -6.62
C SER A 87 -7.33 -5.68 -5.69
N PHE A 88 -7.79 -4.47 -5.95
CA PHE A 88 -8.81 -3.85 -5.09
C PHE A 88 -10.13 -4.58 -5.26
N ASP A 89 -10.89 -4.68 -4.18
CA ASP A 89 -12.21 -5.31 -4.22
C ASP A 89 -13.26 -4.27 -4.66
N ARG A 90 -13.15 -3.05 -4.15
CA ARG A 90 -13.92 -1.90 -4.64
C ARG A 90 -13.03 -0.68 -4.89
N PHE A 91 -13.34 0.08 -5.95
CA PHE A 91 -12.73 1.38 -6.21
C PHE A 91 -13.77 2.45 -5.90
N ILE A 92 -13.64 3.11 -4.76
CA ILE A 92 -14.67 4.04 -4.28
C ILE A 92 -14.47 5.46 -4.82
N ARG A 93 -15.54 6.05 -5.32
CA ARG A 93 -15.55 7.43 -5.76
C ARG A 93 -16.46 8.19 -4.82
N THR A 94 -16.11 9.41 -4.44
CA THR A 94 -16.93 10.14 -3.46
C THR A 94 -18.21 10.76 -4.07
N THR A 95 -18.29 10.85 -5.38
CA THR A 95 -19.55 11.21 -6.05
C THR A 95 -20.64 10.12 -5.92
N ASP A 96 -20.25 8.87 -5.67
CA ASP A 96 -21.19 7.74 -5.50
C ASP A 96 -22.35 8.07 -4.55
N ALA A 97 -23.50 7.47 -4.84
CA ALA A 97 -24.75 7.78 -4.14
C ALA A 97 -24.70 7.24 -2.70
N ASP A 98 -24.38 5.96 -2.57
CA ASP A 98 -24.25 5.34 -1.23
C ASP A 98 -23.22 6.03 -0.35
N HIS A 99 -22.18 6.62 -0.96
CA HIS A 99 -21.19 7.41 -0.23
C HIS A 99 -21.80 8.69 0.31
N HIS A 100 -22.54 9.40 -0.54
CA HIS A 100 -23.30 10.57 -0.12
C HIS A 100 -24.11 10.23 1.11
N GLU A 101 -24.78 9.09 1.06
CA GLU A 101 -25.61 8.60 2.12
C GLU A 101 -24.88 8.25 3.41
N ALA A 102 -23.76 7.58 3.31
CA ALA A 102 -22.92 7.23 4.46
C ALA A 102 -22.48 8.44 5.25
N SER A 103 -22.16 9.51 4.54
CA SER A 103 -21.68 10.75 5.14
C SER A 103 -22.78 11.50 5.88
N LYS A 104 -23.94 11.60 5.23
CA LYS A 104 -25.12 12.22 5.86
C LYS A 104 -25.40 11.55 7.20
N GLU A 105 -25.36 10.23 7.23
CA GLU A 105 -25.63 9.49 8.46
C GLU A 105 -24.54 9.71 9.53
N LEU A 106 -23.28 9.69 9.12
CA LEU A 106 -22.21 10.00 10.06
C LEU A 106 -22.40 11.37 10.70
N TRP A 107 -22.78 12.37 9.91
CA TRP A 107 -23.07 13.73 10.41
C TRP A 107 -24.26 13.71 11.38
N ARG A 108 -25.35 13.04 10.98
CA ARG A 108 -26.55 12.94 11.83
C ARG A 108 -26.25 12.42 13.23
N ARG A 109 -25.34 11.45 13.32
CA ARG A 109 -24.96 10.90 14.63
C ARG A 109 -24.10 11.83 15.47
N MET A 110 -23.17 12.52 14.82
CA MET A 110 -22.34 13.50 15.52
C MET A 110 -23.19 14.67 16.02
N SER A 111 -24.16 15.10 15.19
CA SER A 111 -25.22 16.03 15.63
C SER A 111 -25.92 15.47 16.86
N ALA A 112 -26.49 14.28 16.72
CA ALA A 112 -27.24 13.62 17.78
C ALA A 112 -26.47 13.34 19.08
N ALA A 113 -25.13 13.35 19.04
CA ALA A 113 -24.32 13.29 20.27
C ALA A 113 -23.95 14.66 20.83
N GLY A 114 -24.37 15.74 20.15
CA GLY A 114 -24.14 17.12 20.60
C GLY A 114 -22.75 17.66 20.28
N ASP A 115 -22.12 17.15 19.22
CA ASP A 115 -20.75 17.54 18.87
C ASP A 115 -20.63 18.47 17.67
N ILE A 116 -21.74 18.80 17.00
CA ILE A 116 -21.76 19.79 15.93
C ILE A 116 -22.50 21.05 16.39
N TYR A 117 -21.93 22.21 16.11
CA TYR A 117 -22.55 23.50 16.44
C TYR A 117 -22.17 24.62 15.44
N LEU A 118 -23.12 25.51 15.16
CA LEU A 118 -22.93 26.63 14.23
C LEU A 118 -22.09 27.72 14.88
N ASP A 119 -21.15 28.29 14.13
CA ASP A 119 -20.31 29.40 14.64
C ASP A 119 -19.59 30.12 13.49
N ASN A 120 -19.00 31.27 13.81
CA ASN A 120 -18.19 32.04 12.86
C ASN A 120 -16.75 31.57 12.88
N TYR A 121 -16.22 31.24 11.70
CA TYR A 121 -14.81 30.90 11.52
C TYR A 121 -14.06 32.04 10.82
N SER A 122 -12.89 32.38 11.36
CA SER A 122 -11.92 33.27 10.70
C SER A 122 -10.57 32.56 10.64
N GLY A 123 -9.97 32.46 9.47
CA GLY A 123 -8.63 31.90 9.40
C GLY A 123 -8.11 31.61 8.01
N TRP A 124 -6.95 30.99 7.96
CA TRP A 124 -6.23 30.75 6.72
C TRP A 124 -6.47 29.35 6.18
N TYR A 125 -7.01 29.24 4.97
CA TYR A 125 -7.19 27.95 4.31
C TYR A 125 -6.17 27.70 3.18
N SER A 126 -5.47 26.57 3.25
CA SER A 126 -4.61 26.11 2.17
C SER A 126 -5.42 25.18 1.28
N VAL A 127 -5.72 25.63 0.07
CA VAL A 127 -6.48 24.81 -0.89
C VAL A 127 -5.71 23.54 -1.29
N ARG A 128 -4.39 23.65 -1.40
CA ARG A 128 -3.55 22.51 -1.80
C ARG A 128 -3.58 21.38 -0.77
N ASP A 129 -3.63 21.73 0.52
CA ASP A 129 -3.71 20.74 1.63
C ASP A 129 -5.15 20.44 2.11
N GLU A 130 -6.12 21.22 1.62
CA GLU A 130 -7.51 21.19 2.10
C GLU A 130 -7.58 21.23 3.62
N ARG A 131 -7.21 22.35 4.21
CA ARG A 131 -6.91 22.38 5.63
C ARG A 131 -6.70 23.78 6.15
N PHE A 132 -7.14 24.01 7.39
CA PHE A 132 -7.08 25.30 8.03
C PHE A 132 -5.78 25.48 8.81
N PHE A 133 -5.33 26.73 8.95
CA PHE A 133 -4.15 27.10 9.76
C PHE A 133 -4.45 28.37 10.54
N VAL A 134 -3.84 28.50 11.71
CA VAL A 134 -3.88 29.78 12.45
C VAL A 134 -2.75 30.68 11.96
N GLU A 135 -2.85 31.97 12.25
CA GLU A 135 -1.87 32.96 11.77
C GLU A 135 -0.44 32.62 12.21
N SER A 136 -0.28 32.11 13.44
CA SER A 136 1.00 31.59 13.98
C SER A 136 1.66 30.53 13.10
N GLU A 137 0.85 29.73 12.41
CA GLU A 137 1.35 28.68 11.51
C GLU A 137 1.57 29.13 10.06
N THR A 138 1.61 30.44 9.82
CA THR A 138 1.95 31.02 8.51
C THR A 138 3.04 32.06 8.63
N GLN A 139 3.84 32.19 7.58
CA GLN A 139 4.83 33.25 7.50
C GLN A 139 4.52 34.18 6.30
N LEU A 140 4.82 35.46 6.47
CA LEU A 140 4.75 36.43 5.40
C LEU A 140 6.15 36.53 4.77
N VAL A 141 6.27 36.07 3.53
CA VAL A 141 7.57 36.00 2.81
C VAL A 141 7.48 36.74 1.45
N ASP A 142 8.14 37.90 1.38
CA ASP A 142 8.06 38.83 0.22
C ASP A 142 6.63 39.23 -0.18
N GLY A 143 5.80 39.48 0.83
CA GLY A 143 4.40 39.83 0.63
C GLY A 143 3.53 38.69 0.11
N THR A 144 3.76 37.49 0.63
CA THR A 144 2.95 36.34 0.28
C THR A 144 2.86 35.42 1.49
N ARG A 145 1.63 35.06 1.86
CA ARG A 145 1.37 34.24 3.02
C ARG A 145 1.51 32.78 2.61
N LEU A 146 2.56 32.13 3.12
CA LEU A 146 2.79 30.71 2.94
C LEU A 146 2.69 30.03 4.29
N THR A 147 2.25 28.77 4.30
CA THR A 147 2.27 27.98 5.53
C THR A 147 3.72 27.79 5.96
N VAL A 148 3.94 27.71 7.27
CA VAL A 148 5.27 27.48 7.81
C VAL A 148 5.75 26.09 7.43
N GLU A 149 4.88 25.10 7.62
CA GLU A 149 5.22 23.71 7.36
C GLU A 149 5.47 23.42 5.87
N THR A 150 4.42 23.53 5.05
CA THR A 150 4.44 23.06 3.65
C THR A 150 4.93 24.07 2.60
N GLY A 151 5.03 25.35 2.96
CA GLY A 151 5.36 26.42 2.01
C GLY A 151 4.31 26.64 0.92
N THR A 152 3.05 26.32 1.20
CA THR A 152 1.95 26.46 0.24
C THR A 152 1.19 27.73 0.53
N PRO A 153 0.60 28.37 -0.51
CA PRO A 153 -0.17 29.61 -0.25
C PRO A 153 -1.46 29.36 0.51
N VAL A 154 -1.98 30.43 1.13
CA VAL A 154 -3.22 30.37 1.89
C VAL A 154 -4.14 31.52 1.53
N THR A 155 -5.40 31.31 1.85
CA THR A 155 -6.48 32.22 1.54
C THR A 155 -7.08 32.65 2.87
N TRP A 156 -7.33 33.95 3.04
CA TRP A 156 -8.17 34.41 4.16
C TRP A 156 -9.62 33.94 3.93
N THR A 157 -10.22 33.35 4.97
CA THR A 157 -11.56 32.79 4.89
C THR A 157 -12.37 33.23 6.11
N GLU A 158 -13.44 33.98 5.87
CA GLU A 158 -14.42 34.32 6.90
C GLU A 158 -15.73 33.73 6.46
N GLU A 159 -16.25 32.77 7.22
CA GLU A 159 -17.55 32.15 6.94
C GLU A 159 -18.24 31.77 8.23
N GLN A 160 -19.54 31.50 8.13
CA GLN A 160 -20.28 30.87 9.22
C GLN A 160 -20.34 29.36 8.91
N THR A 161 -19.77 28.54 9.81
CA THR A 161 -19.64 27.10 9.58
C THR A 161 -20.04 26.29 10.80
N TYR A 162 -20.39 25.03 10.55
CA TYR A 162 -20.50 24.04 11.62
C TYR A 162 -19.13 23.59 12.10
N PHE A 163 -18.98 23.49 13.41
CA PHE A 163 -17.75 23.03 14.04
C PHE A 163 -17.96 21.68 14.66
N PHE A 164 -16.90 20.89 14.80
CA PHE A 164 -16.92 19.64 15.58
C PHE A 164 -16.26 19.87 16.93
N ARG A 165 -16.82 19.29 17.98
CA ARG A 165 -16.32 19.50 19.35
C ARG A 165 -15.09 18.64 19.62
N LEU A 166 -14.03 18.92 18.89
CA LEU A 166 -12.84 18.11 18.91
C LEU A 166 -12.13 18.20 20.24
N SER A 167 -12.18 19.38 20.87
CA SER A 167 -11.55 19.63 22.17
C SER A 167 -12.10 18.72 23.28
N ALA A 168 -13.35 18.29 23.14
CA ALA A 168 -13.95 17.33 24.06
C ALA A 168 -13.26 15.95 24.05
N TYR A 169 -12.66 15.57 22.93
CA TYR A 169 -12.06 14.23 22.75
C TYR A 169 -10.56 14.12 23.01
N THR A 170 -9.91 15.20 23.46
CA THR A 170 -8.47 15.19 23.68
C THR A 170 -8.02 14.05 24.59
N ASP A 171 -8.63 13.94 25.76
CA ASP A 171 -8.20 12.97 26.76
C ASP A 171 -8.71 11.56 26.48
N LYS A 172 -9.87 11.43 25.84
CA LYS A 172 -10.34 10.12 25.37
C LYS A 172 -9.43 9.56 24.27
N LEU A 173 -8.90 10.45 23.44
CA LEU A 173 -7.89 10.08 22.44
C LEU A 173 -6.61 9.62 23.11
N LEU A 174 -6.10 10.42 24.04
CA LEU A 174 -4.87 10.06 24.77
C LEU A 174 -5.02 8.71 25.48
N ALA A 175 -6.21 8.46 26.01
CA ALA A 175 -6.52 7.17 26.63
C ALA A 175 -6.43 6.04 25.62
N HIS A 176 -6.94 6.27 24.40
CA HIS A 176 -6.92 5.27 23.36
C HIS A 176 -5.51 4.94 22.89
N TYR A 177 -4.71 5.98 22.64
CA TYR A 177 -3.34 5.79 22.16
C TYR A 177 -2.56 4.99 23.19
N HIS A 178 -2.82 5.28 24.47
CA HIS A 178 -2.20 4.59 25.59
C HIS A 178 -2.64 3.11 25.66
N ALA A 179 -3.94 2.87 25.59
CA ALA A 179 -4.47 1.50 25.64
C ALA A 179 -4.17 0.62 24.41
N ASN A 180 -3.86 1.23 23.27
CA ASN A 180 -3.68 0.51 22.00
C ASN A 180 -2.33 0.90 21.42
N PRO A 181 -1.23 0.41 22.01
CA PRO A 181 0.12 0.77 21.54
C PRO A 181 0.35 0.64 20.02
N ASP A 182 -0.25 -0.38 19.39
CA ASP A 182 -0.11 -0.62 17.95
C ASP A 182 -1.15 0.08 17.04
N PHE A 183 -1.80 1.13 17.53
CA PHE A 183 -2.83 1.87 16.78
C PHE A 183 -2.18 2.75 15.69
N ILE A 184 -1.01 3.32 15.97
CA ILE A 184 -0.30 4.20 15.04
C ILE A 184 1.11 3.68 14.83
N ALA A 185 1.44 3.34 13.59
CA ALA A 185 2.80 2.97 13.21
C ALA A 185 3.26 3.85 12.03
N PRO A 186 4.57 4.07 11.86
CA PRO A 186 5.62 3.57 12.77
C PRO A 186 5.66 4.38 14.06
N GLU A 187 6.49 3.91 14.99
CA GLU A 187 6.60 4.50 16.33
C GLU A 187 6.99 6.01 16.35
N THR A 188 7.76 6.45 15.35
CA THR A 188 8.10 7.87 15.23
C THR A 188 6.85 8.74 15.03
N ARG A 189 5.93 8.24 14.23
CA ARG A 189 4.68 8.91 13.91
C ARG A 189 3.73 8.92 15.11
N ARG A 190 3.80 7.88 15.93
CA ARG A 190 3.00 7.78 17.13
C ARG A 190 3.29 8.88 18.13
N ASN A 191 4.58 9.12 18.38
CA ASN A 191 5.00 10.08 19.40
C ASN A 191 4.77 11.52 18.91
N GLU A 192 4.80 11.73 17.60
CA GLU A 192 4.38 13.01 16.99
C GLU A 192 2.88 13.30 17.21
N VAL A 193 2.06 12.29 16.96
CA VAL A 193 0.63 12.36 17.19
C VAL A 193 0.32 12.57 18.67
N ILE A 194 1.04 11.92 19.56
CA ILE A 194 0.86 12.09 21.00
C ILE A 194 1.29 13.48 21.50
N SER A 195 2.36 14.04 20.93
CA SER A 195 2.81 15.41 21.19
C SER A 195 1.70 16.40 20.91
N PHE A 196 1.20 16.35 19.67
CA PHE A 196 0.19 17.29 19.18
C PHE A 196 -1.09 17.31 20.03
N VAL A 197 -1.57 16.13 20.38
CA VAL A 197 -2.81 15.98 21.13
C VAL A 197 -2.61 16.37 22.59
N SER A 198 -1.39 16.24 23.11
CA SER A 198 -1.06 16.69 24.47
C SER A 198 -1.04 18.22 24.60
N GLY A 199 -0.64 18.91 23.54
CA GLY A 199 -0.71 20.36 23.47
C GLY A 199 -2.11 20.94 23.63
N GLY A 200 -3.12 20.12 23.35
CA GLY A 200 -4.51 20.51 23.44
C GLY A 200 -5.03 20.73 22.04
N LEU A 201 -6.29 20.35 21.83
CA LEU A 201 -6.96 20.47 20.54
C LEU A 201 -8.02 21.55 20.60
N ASP A 202 -8.16 22.29 19.50
CA ASP A 202 -9.22 23.28 19.36
C ASP A 202 -10.28 22.69 18.45
N ASP A 203 -11.50 23.20 18.56
CA ASP A 203 -12.62 22.72 17.75
C ASP A 203 -12.32 22.93 16.27
N LEU A 204 -12.97 22.14 15.43
CA LEU A 204 -12.63 21.99 14.03
C LEU A 204 -13.80 22.38 13.13
N SER A 205 -13.60 23.32 12.20
CA SER A 205 -14.62 23.64 11.18
C SER A 205 -14.86 22.48 10.24
N ILE A 206 -16.11 22.10 10.07
CA ILE A 206 -16.50 20.93 9.26
C ILE A 206 -17.57 21.18 8.20
N SER A 207 -17.91 22.44 7.93
CA SER A 207 -18.79 22.77 6.80
C SER A 207 -18.29 24.04 6.12
N ARG A 208 -18.74 24.25 4.89
CA ARG A 208 -18.40 25.44 4.09
C ARG A 208 -19.66 26.00 3.45
N THR A 209 -19.71 27.34 3.32
CA THR A 209 -20.81 28.05 2.66
C THR A 209 -20.45 28.52 1.24
N SER A 210 -19.21 28.97 1.02
CA SER A 210 -18.84 29.69 -0.21
C SER A 210 -18.90 28.89 -1.54
N PHE A 211 -18.99 27.57 -1.48
CA PHE A 211 -19.13 26.75 -2.69
C PHE A 211 -20.02 25.54 -2.43
N ASP A 212 -20.60 25.01 -3.51
CA ASP A 212 -21.62 23.95 -3.42
C ASP A 212 -21.11 22.55 -3.76
N TRP A 213 -19.82 22.43 -4.07
CA TRP A 213 -19.22 21.16 -4.52
C TRP A 213 -18.83 20.23 -3.36
N GLY A 214 -19.73 19.32 -3.05
CA GLY A 214 -19.58 18.43 -1.92
C GLY A 214 -20.90 17.85 -1.45
N VAL A 215 -20.84 17.10 -0.38
CA VAL A 215 -22.01 16.47 0.20
C VAL A 215 -22.71 17.50 1.07
N GLN A 216 -23.99 17.73 0.78
CA GLN A 216 -24.77 18.75 1.50
C GLN A 216 -25.00 18.28 2.91
N VAL A 217 -24.87 19.19 3.87
CA VAL A 217 -25.14 18.89 5.28
C VAL A 217 -26.66 18.63 5.44
N PRO A 218 -27.05 17.49 6.06
CA PRO A 218 -28.49 17.20 6.17
C PRO A 218 -29.25 18.22 7.01
N GLU A 219 -30.44 18.60 6.52
CA GLU A 219 -31.28 19.67 7.11
C GLU A 219 -30.67 21.09 7.11
N HIS A 220 -29.67 21.32 6.25
CA HIS A 220 -29.04 22.63 6.06
C HIS A 220 -28.42 22.68 4.66
N PRO A 221 -29.26 22.73 3.60
CA PRO A 221 -28.77 22.70 2.20
C PRO A 221 -27.75 23.80 1.84
N ASP A 222 -27.86 24.93 2.54
CA ASP A 222 -26.88 26.02 2.49
C ASP A 222 -25.40 25.68 2.83
N HIS A 223 -25.14 24.48 3.35
CA HIS A 223 -23.77 24.04 3.69
C HIS A 223 -23.38 22.78 2.95
N VAL A 224 -22.08 22.65 2.64
CA VAL A 224 -21.50 21.34 2.27
C VAL A 224 -20.46 20.94 3.31
N MET A 225 -20.27 19.63 3.46
CA MET A 225 -19.30 19.08 4.43
C MET A 225 -17.88 19.33 4.00
N TYR A 226 -17.06 19.73 4.96
CA TYR A 226 -15.60 19.78 4.78
C TYR A 226 -15.15 18.50 4.09
N VAL A 227 -14.34 18.65 3.05
CA VAL A 227 -14.02 17.53 2.17
C VAL A 227 -13.42 16.33 2.93
N TRP A 228 -12.59 16.60 3.94
CA TRP A 228 -12.06 15.55 4.81
C TRP A 228 -13.08 14.78 5.64
N VAL A 229 -14.17 15.39 6.07
CA VAL A 229 -15.22 14.64 6.78
C VAL A 229 -15.81 13.60 5.84
N ASP A 230 -16.25 14.03 4.68
CA ASP A 230 -16.81 13.12 3.74
C ASP A 230 -15.79 12.14 3.19
N ALA A 231 -14.53 12.52 3.11
CA ALA A 231 -13.48 11.65 2.53
C ALA A 231 -13.14 10.49 3.45
N LEU A 232 -12.94 10.79 4.73
CA LEU A 232 -12.68 9.74 5.75
C LEU A 232 -13.81 8.73 5.83
N THR A 233 -15.03 9.21 5.60
CA THR A 233 -16.19 8.35 5.57
C THR A 233 -16.16 7.24 4.50
N ASN A 234 -15.31 7.36 3.49
CA ASN A 234 -15.20 6.33 2.45
C ASN A 234 -14.90 4.95 3.02
N TYR A 235 -14.20 4.91 4.14
CA TYR A 235 -13.85 3.64 4.80
C TYR A 235 -15.08 2.98 5.38
N LEU A 236 -16.03 3.76 5.89
CA LEU A 236 -17.32 3.23 6.33
C LEU A 236 -18.14 2.75 5.13
N THR A 237 -18.26 3.60 4.12
CA THR A 237 -18.92 3.24 2.85
C THR A 237 -18.37 1.95 2.18
N GLY A 238 -17.06 1.74 2.31
CA GLY A 238 -16.43 0.53 1.79
C GLY A 238 -16.78 -0.73 2.55
N ALA A 239 -17.43 -0.62 3.71
CA ALA A 239 -17.96 -1.76 4.45
C ALA A 239 -19.50 -1.68 4.73
N GLY A 240 -20.24 -1.04 3.82
CA GLY A 240 -21.71 -1.10 3.83
C GLY A 240 -22.45 -0.23 4.83
N PHE A 241 -21.78 0.81 5.33
CA PHE A 241 -22.41 1.87 6.13
C PHE A 241 -23.27 2.72 5.18
N PRO A 242 -24.47 3.15 5.58
CA PRO A 242 -25.01 3.12 6.95
C PRO A 242 -25.69 1.85 7.45
N ASP A 243 -25.88 0.84 6.59
CA ASP A 243 -26.51 -0.42 7.05
C ASP A 243 -25.58 -1.20 8.02
N THR A 244 -25.59 -0.78 9.30
CA THR A 244 -24.75 -1.40 10.33
C THR A 244 -25.13 -2.85 10.69
N ASP A 245 -26.33 -3.30 10.32
CA ASP A 245 -26.71 -4.70 10.53
C ASP A 245 -26.75 -5.50 9.23
N SER A 246 -25.71 -5.30 8.40
CA SER A 246 -25.53 -6.05 7.15
C SER A 246 -24.33 -6.97 7.26
N GLU A 247 -24.26 -7.98 6.39
CA GLU A 247 -23.14 -8.92 6.39
C GLU A 247 -21.81 -8.19 6.35
N LEU A 248 -21.61 -7.34 5.32
CA LEU A 248 -20.35 -6.57 5.13
C LEU A 248 -19.87 -5.84 6.39
N PHE A 249 -20.73 -4.99 6.94
CA PHE A 249 -20.35 -4.16 8.08
C PHE A 249 -20.10 -5.00 9.32
N ARG A 250 -20.91 -6.03 9.51
CA ARG A 250 -20.69 -6.96 10.63
C ARG A 250 -19.36 -7.70 10.44
N ARG A 251 -19.10 -8.14 9.21
CA ARG A 251 -17.88 -8.88 8.92
C ARG A 251 -16.61 -8.01 8.91
N TYR A 252 -16.60 -6.94 8.12
CA TYR A 252 -15.35 -6.21 7.86
C TYR A 252 -15.02 -5.04 8.77
N TRP A 253 -16.01 -4.26 9.19
CA TRP A 253 -15.74 -3.17 10.15
C TRP A 253 -15.59 -3.74 11.58
N PRO A 254 -14.61 -3.31 12.38
CA PRO A 254 -13.66 -2.22 12.08
C PRO A 254 -12.52 -2.59 11.13
N ALA A 255 -12.10 -1.63 10.31
CA ALA A 255 -10.95 -1.80 9.41
C ALA A 255 -9.74 -2.21 10.19
N ASP A 256 -9.02 -3.20 9.68
CA ASP A 256 -7.83 -3.72 10.32
C ASP A 256 -6.63 -2.82 10.09
N LEU A 257 -6.62 -2.07 8.99
CA LEU A 257 -5.48 -1.22 8.66
C LEU A 257 -5.83 -0.16 7.62
N HIS A 258 -5.54 1.10 7.95
CA HIS A 258 -5.52 2.22 7.01
C HIS A 258 -4.08 2.52 6.58
N MET A 259 -3.75 2.30 5.32
CA MET A 259 -2.44 2.75 4.80
C MET A 259 -2.61 4.19 4.37
N ILE A 260 -1.74 5.07 4.85
CA ILE A 260 -1.75 6.49 4.49
C ILE A 260 -0.33 6.98 4.43
N GLY A 261 -0.10 8.19 3.95
CA GLY A 261 1.24 8.79 4.02
C GLY A 261 1.31 9.78 5.18
N LYS A 262 2.54 10.14 5.58
CA LYS A 262 2.75 10.88 6.83
C LYS A 262 2.15 12.30 6.90
N ASP A 263 1.82 12.90 5.74
CA ASP A 263 1.22 14.24 5.70
C ASP A 263 -0.25 14.32 6.10
N ILE A 264 -0.97 13.20 6.00
CA ILE A 264 -2.40 13.17 6.32
C ILE A 264 -2.69 12.40 7.59
N ILE A 265 -1.64 12.16 8.39
CA ILE A 265 -1.75 11.39 9.62
C ILE A 265 -2.69 12.00 10.68
N ARG A 266 -2.71 13.30 10.80
CA ARG A 266 -3.55 13.93 11.78
C ARG A 266 -5.02 13.68 11.55
N PHE A 267 -5.44 13.70 10.31
CA PHE A 267 -6.84 13.42 9.98
C PHE A 267 -7.20 12.00 10.41
N HIS A 268 -6.27 11.06 10.20
CA HIS A 268 -6.52 9.65 10.48
C HIS A 268 -6.33 9.25 11.93
N ALA A 269 -5.43 9.89 12.68
CA ALA A 269 -5.16 9.45 14.05
C ALA A 269 -5.82 10.32 15.12
N VAL A 270 -6.31 11.49 14.75
CA VAL A 270 -6.95 12.42 15.68
C VAL A 270 -8.40 12.66 15.31
N TYR A 271 -8.63 13.24 14.13
CA TYR A 271 -9.95 13.67 13.74
C TYR A 271 -10.86 12.46 13.49
N TRP A 272 -10.38 11.47 12.72
CA TRP A 272 -11.17 10.29 12.37
C TRP A 272 -11.63 9.49 13.59
N PRO A 273 -10.72 9.18 14.52
CA PRO A 273 -11.20 8.48 15.71
C PRO A 273 -12.23 9.26 16.52
N ALA A 274 -12.05 10.58 16.64
CA ALA A 274 -12.98 11.41 17.41
C ALA A 274 -14.37 11.42 16.79
N PHE A 275 -14.43 11.52 15.46
CA PHE A 275 -15.71 11.45 14.72
C PHE A 275 -16.39 10.12 15.01
N LEU A 276 -15.60 9.05 14.98
CA LEU A 276 -16.11 7.72 15.26
C LEU A 276 -16.58 7.56 16.71
N MET A 277 -15.84 8.11 17.67
CA MET A 277 -16.25 8.03 19.08
C MET A 277 -17.57 8.77 19.25
N SER A 278 -17.62 10.01 18.77
CA SER A 278 -18.85 10.78 18.71
C SER A 278 -20.05 10.01 18.14
N ALA A 279 -19.84 9.36 17.00
CA ALA A 279 -20.89 8.62 16.30
C ALA A 279 -21.15 7.21 16.84
N GLY A 280 -20.48 6.81 17.92
CA GLY A 280 -20.68 5.50 18.51
C GLY A 280 -20.30 4.34 17.59
N ILE A 281 -19.21 4.52 16.84
CA ILE A 281 -18.71 3.51 15.92
C ILE A 281 -17.33 3.04 16.41
N GLU A 282 -17.04 1.75 16.17
CA GLU A 282 -15.77 1.12 16.57
C GLU A 282 -14.59 1.65 15.76
N LEU A 283 -13.48 1.94 16.43
CA LEU A 283 -12.34 2.55 15.78
C LEU A 283 -11.60 1.53 14.93
N PRO A 284 -10.79 1.98 13.94
CA PRO A 284 -9.93 1.05 13.20
C PRO A 284 -8.81 0.52 14.07
N ARG A 285 -8.26 -0.63 13.72
CA ARG A 285 -7.30 -1.30 14.57
C ARG A 285 -5.92 -0.65 14.50
N ARG A 286 -5.53 -0.14 13.33
CA ARG A 286 -4.15 0.32 13.08
C ARG A 286 -4.07 1.29 11.90
N ILE A 287 -3.17 2.25 12.00
CA ILE A 287 -2.90 3.22 10.94
C ILE A 287 -1.40 3.19 10.67
N PHE A 288 -1.00 2.76 9.47
CA PHE A 288 0.41 2.87 9.07
C PHE A 288 0.65 4.04 8.09
N ALA A 289 1.47 4.99 8.53
CA ALA A 289 1.88 6.13 7.72
C ALA A 289 3.23 5.85 7.07
N HIS A 290 3.23 5.79 5.76
CA HIS A 290 4.43 5.57 4.99
C HIS A 290 5.09 6.91 4.66
N GLY A 291 6.38 6.86 4.38
CA GLY A 291 7.17 8.02 4.07
C GLY A 291 7.08 8.54 2.66
N PHE A 292 7.61 9.73 2.43
CA PHE A 292 7.60 10.33 1.12
C PHE A 292 8.63 9.76 0.17
N LEU A 293 8.46 10.03 -1.10
CA LEU A 293 9.40 9.55 -2.10
C LEU A 293 9.83 10.74 -2.91
N HIS A 294 11.14 10.93 -3.02
CA HIS A 294 11.71 12.07 -3.75
C HIS A 294 12.36 11.73 -5.06
N ASN A 295 12.82 12.77 -5.74
CA ASN A 295 13.55 12.61 -6.99
C ASN A 295 14.85 13.39 -6.77
N ARG A 296 15.37 13.27 -5.55
CA ARG A 296 16.54 13.97 -5.04
C ARG A 296 16.07 15.27 -4.36
N GLY A 297 14.77 15.56 -4.53
CA GLY A 297 14.08 16.70 -3.96
C GLY A 297 12.63 16.25 -4.02
N GLU A 298 11.73 16.88 -3.26
CA GLU A 298 10.33 16.48 -3.33
C GLU A 298 9.89 16.77 -4.76
N LYS A 299 9.04 15.95 -5.35
CA LYS A 299 8.62 16.22 -6.72
C LYS A 299 7.71 17.41 -6.76
N MET A 300 8.17 18.46 -7.41
CA MET A 300 7.44 19.72 -7.48
C MET A 300 6.65 20.06 -8.71
N SER A 301 6.64 19.22 -9.73
CA SER A 301 5.87 19.55 -10.91
C SER A 301 6.38 20.87 -11.47
N LYS A 302 5.56 21.90 -11.40
CA LYS A 302 5.93 23.20 -11.94
C LYS A 302 7.18 23.82 -11.37
N SER A 303 7.38 23.74 -10.06
CA SER A 303 8.58 24.36 -9.50
C SER A 303 9.79 23.67 -10.07
N VAL A 304 9.74 22.35 -10.10
CA VAL A 304 10.80 21.55 -10.67
C VAL A 304 10.06 20.49 -11.44
N GLY A 305 10.21 20.42 -12.74
CA GLY A 305 9.45 19.41 -13.48
C GLY A 305 10.07 18.03 -13.37
N ASN A 306 10.02 17.46 -12.16
CA ASN A 306 10.70 16.20 -11.82
C ASN A 306 9.71 15.09 -11.41
N ILE A 307 8.48 15.17 -11.91
CA ILE A 307 7.44 14.18 -11.60
C ILE A 307 7.84 12.86 -12.27
N VAL A 308 7.41 11.75 -11.68
CA VAL A 308 7.60 10.42 -12.25
C VAL A 308 6.25 9.73 -12.45
N ASP A 309 5.85 9.57 -13.71
CA ASP A 309 4.65 8.83 -14.08
C ASP A 309 4.88 7.33 -13.81
N PRO A 310 4.08 6.72 -12.92
CA PRO A 310 4.24 5.29 -12.66
C PRO A 310 3.78 4.41 -13.82
N VAL A 311 2.89 4.89 -14.69
CA VAL A 311 2.46 4.10 -15.85
C VAL A 311 3.56 4.06 -16.92
N ALA A 312 4.20 5.20 -17.16
CA ALA A 312 5.40 5.24 -18.00
C ALA A 312 6.49 4.34 -17.43
N LEU A 313 6.81 4.57 -16.15
CA LEU A 313 7.79 3.77 -15.39
C LEU A 313 7.50 2.26 -15.43
N ALA A 314 6.22 1.88 -15.39
CA ALA A 314 5.80 0.48 -15.51
C ALA A 314 6.00 -0.10 -16.91
N GLU A 315 5.76 0.71 -17.94
CA GLU A 315 6.03 0.28 -19.32
C GLU A 315 7.52 0.30 -19.60
N ALA A 316 8.23 1.26 -19.02
CA ALA A 316 9.68 1.41 -19.17
C ALA A 316 10.49 0.23 -18.60
N LEU A 317 10.03 -0.34 -17.49
CA LEU A 317 10.79 -1.34 -16.72
C LEU A 317 10.07 -2.65 -16.42
N GLY A 318 8.74 -2.71 -16.61
CA GLY A 318 7.93 -3.86 -16.20
C GLY A 318 7.21 -3.60 -14.89
N VAL A 319 5.95 -4.05 -14.80
CA VAL A 319 5.12 -3.84 -13.61
C VAL A 319 5.78 -4.43 -12.36
N ASP A 320 6.19 -5.70 -12.44
CA ASP A 320 6.75 -6.40 -11.29
C ASP A 320 8.11 -5.87 -10.85
N GLN A 321 8.90 -5.38 -11.79
CA GLN A 321 10.19 -4.79 -11.48
C GLN A 321 10.02 -3.51 -10.68
N VAL A 322 9.01 -2.71 -11.03
CA VAL A 322 8.69 -1.48 -10.29
C VAL A 322 8.13 -1.77 -8.89
N ARG A 323 7.25 -2.77 -8.78
CA ARG A 323 6.66 -3.13 -7.50
C ARG A 323 7.73 -3.66 -6.55
N TYR A 324 8.72 -4.36 -7.09
CA TYR A 324 9.83 -4.84 -6.29
C TYR A 324 10.73 -3.69 -5.84
N PHE A 325 11.02 -2.74 -6.72
CA PHE A 325 11.92 -1.65 -6.39
C PHE A 325 11.37 -0.77 -5.27
N LEU A 326 10.11 -0.37 -5.43
CA LEU A 326 9.42 0.48 -4.46
C LEU A 326 9.38 -0.13 -3.08
N LEU A 327 9.10 -1.44 -3.01
CA LEU A 327 9.05 -2.12 -1.71
C LEU A 327 10.40 -2.57 -1.16
N ARG A 328 11.45 -2.52 -1.99
CA ARG A 328 12.80 -2.89 -1.56
C ARG A 328 13.70 -1.68 -1.29
N GLU A 329 13.71 -0.70 -2.17
CA GLU A 329 14.68 0.40 -2.04
C GLU A 329 14.57 1.11 -0.71
N VAL A 330 13.35 1.48 -0.34
CA VAL A 330 13.07 2.29 0.84
C VAL A 330 12.67 1.40 2.03
N PRO A 331 13.11 1.72 3.25
CA PRO A 331 12.49 1.04 4.40
C PRO A 331 11.10 1.61 4.68
N PHE A 332 10.08 0.76 4.69
CA PHE A 332 8.70 1.22 4.70
C PHE A 332 8.39 1.99 5.98
N GLY A 333 8.01 3.26 5.83
CA GLY A 333 7.89 4.20 6.95
C GLY A 333 8.83 5.40 6.85
N GLN A 334 10.02 5.19 6.30
CA GLN A 334 11.00 6.25 6.10
C GLN A 334 10.88 6.91 4.72
N ASP A 335 11.47 8.09 4.60
CA ASP A 335 11.53 8.78 3.32
C ASP A 335 12.63 8.14 2.45
N GLY A 336 12.51 8.29 1.14
CA GLY A 336 13.43 7.68 0.20
C GLY A 336 13.50 8.42 -1.11
N SER A 337 14.57 8.15 -1.86
CA SER A 337 14.81 8.80 -3.15
C SER A 337 14.58 7.80 -4.27
N TYR A 338 13.87 8.24 -5.30
CA TYR A 338 13.87 7.55 -6.58
C TYR A 338 15.00 8.17 -7.40
N SER A 339 15.67 7.34 -8.20
CA SER A 339 16.57 7.82 -9.25
C SER A 339 16.65 6.79 -10.39
N ASP A 340 16.86 7.27 -11.61
CA ASP A 340 16.90 6.41 -12.79
C ASP A 340 18.04 5.37 -12.74
N GLU A 341 19.19 5.75 -12.16
CA GLU A 341 20.33 4.83 -12.00
C GLU A 341 20.12 3.77 -10.89
N ALA A 342 19.46 4.17 -9.79
CA ALA A 342 19.23 3.28 -8.64
C ALA A 342 18.33 2.09 -8.95
N ILE A 343 17.25 2.35 -9.70
CA ILE A 343 16.29 1.31 -10.08
C ILE A 343 16.82 0.30 -11.09
N VAL A 344 17.54 0.75 -12.10
CA VAL A 344 18.06 -0.15 -13.14
C VAL A 344 19.07 -1.14 -12.54
N THR A 345 20.01 -0.65 -11.73
CA THR A 345 21.03 -1.50 -11.10
C THR A 345 20.44 -2.43 -10.04
N ARG A 346 19.44 -1.95 -9.30
CA ARG A 346 18.64 -2.77 -8.38
C ARG A 346 17.94 -3.92 -9.11
N ILE A 347 17.23 -3.62 -10.19
CA ILE A 347 16.56 -4.64 -11.01
C ILE A 347 17.58 -5.61 -11.61
N ASN A 348 18.72 -5.06 -12.03
CA ASN A 348 19.77 -5.83 -12.66
C ASN A 348 20.42 -6.84 -11.70
N THR A 349 20.87 -6.38 -10.52
CA THR A 349 21.54 -7.30 -9.57
C THR A 349 20.55 -8.21 -8.85
N ASP A 350 19.45 -7.66 -8.33
CA ASP A 350 18.48 -8.45 -7.52
C ASP A 350 17.59 -9.40 -8.33
N LEU A 351 17.02 -8.93 -9.43
CA LEU A 351 16.14 -9.77 -10.20
C LEU A 351 16.73 -10.47 -11.38
N ALA A 352 17.46 -9.72 -12.18
CA ALA A 352 18.06 -10.28 -13.36
C ALA A 352 19.08 -11.32 -13.02
N ASN A 353 19.83 -11.09 -11.97
CA ASN A 353 20.86 -12.03 -11.62
C ASN A 353 20.60 -12.98 -10.49
N GLU A 354 20.50 -12.46 -9.29
CA GLU A 354 20.38 -13.30 -8.13
C GLU A 354 19.21 -14.23 -8.18
N LEU A 355 18.09 -13.77 -8.69
CA LEU A 355 16.88 -14.58 -8.77
C LEU A 355 16.76 -15.31 -10.10
N GLY A 356 16.63 -14.54 -11.19
CA GLY A 356 16.30 -15.09 -12.51
C GLY A 356 17.38 -15.97 -13.16
N ASN A 357 18.64 -15.64 -12.91
CA ASN A 357 19.78 -16.43 -13.39
C ASN A 357 19.81 -17.78 -12.66
N LEU A 358 19.61 -17.74 -11.35
CA LEU A 358 19.50 -18.96 -10.56
C LEU A 358 18.39 -19.88 -11.05
N ALA A 359 17.25 -19.31 -11.44
CA ALA A 359 16.12 -20.09 -11.94
C ALA A 359 16.40 -20.68 -13.33
N GLN A 360 16.87 -19.84 -14.25
CA GLN A 360 17.12 -20.26 -15.63
C GLN A 360 18.20 -21.33 -15.70
N ARG A 361 19.26 -21.16 -14.92
CA ARG A 361 20.36 -22.13 -14.92
C ARG A 361 19.96 -23.50 -14.33
N SER A 362 19.11 -23.50 -13.30
CA SER A 362 18.60 -24.76 -12.73
C SER A 362 17.53 -25.39 -13.63
N LEU A 363 16.56 -24.59 -14.08
CA LEU A 363 15.48 -25.10 -14.96
C LEU A 363 15.94 -25.56 -16.37
N SER A 364 17.04 -24.98 -16.86
CA SER A 364 17.64 -25.42 -18.12
C SER A 364 18.29 -26.79 -17.96
N MET A 365 19.13 -26.95 -16.93
CA MET A 365 19.71 -28.27 -16.60
C MET A 365 18.67 -29.41 -16.49
N VAL A 366 17.52 -29.12 -15.91
CA VAL A 366 16.43 -30.10 -15.82
C VAL A 366 15.97 -30.47 -17.22
N ALA A 367 15.78 -29.46 -18.07
CA ALA A 367 15.30 -29.69 -19.43
C ALA A 367 16.31 -30.44 -20.30
N LYS A 368 17.59 -30.03 -20.26
CA LYS A 368 18.65 -30.66 -21.07
C LYS A 368 19.00 -32.05 -20.56
N ASN A 369 19.43 -32.08 -19.30
CA ASN A 369 20.05 -33.26 -18.72
C ASN A 369 19.09 -34.27 -18.11
N LEU A 370 17.83 -33.88 -17.85
CA LEU A 370 16.90 -34.79 -17.16
C LEU A 370 15.52 -34.95 -17.81
N ASP A 371 15.41 -34.70 -19.11
CA ASP A 371 14.18 -34.98 -19.86
C ASP A 371 13.00 -34.11 -19.35
N GLY A 372 13.31 -32.92 -18.85
CA GLY A 372 12.33 -31.98 -18.30
C GLY A 372 11.44 -32.51 -17.18
N ARG A 373 11.99 -33.41 -16.36
CA ARG A 373 11.26 -33.96 -15.22
C ARG A 373 12.02 -33.61 -13.95
N VAL A 374 11.28 -33.33 -12.87
CA VAL A 374 11.89 -33.02 -11.58
C VAL A 374 12.60 -34.27 -11.03
N PRO A 375 13.88 -34.15 -10.65
CA PRO A 375 14.64 -35.34 -10.24
C PRO A 375 14.29 -35.89 -8.85
N ASN A 376 14.59 -37.16 -8.65
CA ASN A 376 14.45 -37.85 -7.36
C ASN A 376 15.71 -37.62 -6.55
N PRO A 377 15.60 -36.91 -5.41
CA PRO A 377 16.77 -36.67 -4.56
C PRO A 377 17.06 -37.82 -3.59
N GLY A 378 18.33 -37.98 -3.24
CA GLY A 378 18.77 -38.93 -2.23
C GLY A 378 19.10 -38.20 -0.94
N GLU A 379 19.80 -38.89 -0.05
CA GLU A 379 20.15 -38.36 1.25
C GLU A 379 20.70 -36.96 1.06
N PHE A 380 20.06 -35.98 1.70
CA PHE A 380 20.55 -34.60 1.72
C PHE A 380 21.77 -34.52 2.62
N ALA A 381 22.88 -33.99 2.08
CA ALA A 381 24.05 -33.61 2.87
C ALA A 381 23.73 -32.46 3.84
N ASP A 382 24.68 -32.11 4.70
CA ASP A 382 24.48 -31.02 5.66
C ASP A 382 24.30 -29.65 4.99
N ALA A 383 25.04 -29.41 3.89
CA ALA A 383 24.91 -28.16 3.12
C ALA A 383 23.55 -28.06 2.41
N ASP A 384 22.99 -29.22 2.04
CA ASP A 384 21.66 -29.30 1.44
C ASP A 384 20.61 -29.00 2.50
N ALA A 385 20.78 -29.60 3.69
CA ALA A 385 19.85 -29.49 4.81
C ALA A 385 19.84 -28.10 5.42
N ALA A 386 21.00 -27.46 5.46
CA ALA A 386 21.14 -26.08 5.95
C ALA A 386 20.45 -25.07 5.03
N LEU A 387 20.50 -25.34 3.74
CA LEU A 387 19.84 -24.50 2.76
C LEU A 387 18.32 -24.72 2.82
N LEU A 388 17.90 -25.97 2.93
CA LEU A 388 16.48 -26.29 3.08
C LEU A 388 15.91 -25.76 4.39
N ALA A 389 16.71 -25.70 5.44
CA ALA A 389 16.23 -25.24 6.75
C ALA A 389 15.96 -23.73 6.77
N THR A 390 16.84 -22.95 6.16
CA THR A 390 16.68 -21.49 6.05
C THR A 390 15.41 -21.15 5.26
N ALA A 391 15.23 -21.87 4.15
CA ALA A 391 14.08 -21.69 3.27
C ALA A 391 12.77 -22.18 3.89
N ASP A 392 12.84 -23.23 4.70
CA ASP A 392 11.66 -23.74 5.42
C ASP A 392 11.22 -22.80 6.55
N GLY A 393 12.17 -22.05 7.10
CA GLY A 393 11.88 -21.02 8.10
C GLY A 393 11.60 -19.63 7.58
N LEU A 394 11.40 -19.46 6.27
CA LEU A 394 11.12 -18.13 5.70
C LEU A 394 9.69 -17.68 5.91
N LEU A 395 8.74 -18.59 5.77
CA LEU A 395 7.34 -18.22 5.87
C LEU A 395 7.04 -17.52 7.20
N GLU A 396 7.54 -18.08 8.31
CA GLU A 396 7.38 -17.48 9.65
C GLU A 396 8.02 -16.09 9.75
N ARG A 397 9.27 -15.97 9.28
CA ARG A 397 9.99 -14.68 9.29
C ARG A 397 9.32 -13.60 8.43
N VAL A 398 8.99 -13.96 7.20
CA VAL A 398 8.33 -13.05 6.27
C VAL A 398 6.96 -12.64 6.80
N ARG A 399 6.22 -13.59 7.35
CA ARG A 399 4.91 -13.31 7.97
C ARG A 399 5.01 -12.25 9.08
N GLY A 400 5.99 -12.41 9.97
CA GLY A 400 6.24 -11.42 11.01
C GLY A 400 6.51 -10.04 10.43
N HIS A 401 7.28 -9.98 9.35
CA HIS A 401 7.60 -8.70 8.72
C HIS A 401 6.39 -8.05 8.06
N PHE A 402 5.56 -8.85 7.38
CA PHE A 402 4.34 -8.30 6.80
C PHE A 402 3.37 -7.75 7.84
N ASP A 403 3.36 -8.33 9.04
CA ASP A 403 2.46 -7.88 10.12
C ASP A 403 2.89 -6.59 10.83
N ALA A 404 4.15 -6.16 10.63
CA ALA A 404 4.62 -4.85 11.08
C ALA A 404 4.75 -3.82 9.94
N GLN A 405 4.23 -4.17 8.75
CA GLN A 405 4.41 -3.39 7.52
C GLN A 405 5.90 -3.12 7.22
N ALA A 406 6.68 -4.18 7.27
CA ALA A 406 8.10 -4.16 6.95
C ALA A 406 8.33 -5.08 5.74
N MET A 407 7.66 -4.79 4.64
CA MET A 407 7.79 -5.61 3.43
C MET A 407 9.23 -5.67 2.92
N HIS A 408 9.96 -4.57 3.09
CA HIS A 408 11.38 -4.48 2.73
C HIS A 408 12.27 -5.53 3.39
N LEU A 409 12.00 -5.84 4.65
CA LEU A 409 12.76 -6.85 5.39
C LEU A 409 12.37 -8.27 5.03
N ALA A 410 11.13 -8.47 4.58
CA ALA A 410 10.73 -9.77 4.06
C ALA A 410 11.53 -10.04 2.80
N LEU A 411 11.54 -9.07 1.90
CA LEU A 411 12.30 -9.15 0.67
C LEU A 411 13.81 -9.36 0.89
N GLU A 412 14.38 -8.63 1.84
CA GLU A 412 15.78 -8.83 2.24
C GLU A 412 16.02 -10.29 2.70
N ALA A 413 15.12 -10.81 3.54
CA ALA A 413 15.25 -12.18 4.03
C ALA A 413 15.10 -13.20 2.93
N ILE A 414 14.21 -12.94 1.97
CA ILE A 414 14.04 -13.86 0.84
C ILE A 414 15.30 -13.82 -0.05
N TRP A 415 15.95 -12.67 -0.17
CA TRP A 415 17.14 -12.54 -1.03
C TRP A 415 18.47 -12.98 -0.40
N LEU A 416 18.58 -12.86 0.93
CA LEU A 416 19.69 -13.49 1.68
C LEU A 416 19.67 -15.01 1.51
N MET A 417 18.47 -15.58 1.45
CA MET A 417 18.30 -16.99 1.15
C MET A 417 18.70 -17.33 -0.30
N LEU A 418 18.31 -16.49 -1.25
CA LEU A 418 18.71 -16.69 -2.66
C LEU A 418 20.21 -16.55 -2.85
N GLY A 419 20.84 -15.63 -2.12
CA GLY A 419 22.29 -15.47 -2.12
C GLY A 419 23.02 -16.70 -1.59
N ASP A 420 22.44 -17.37 -0.59
CA ASP A 420 22.96 -18.65 -0.10
C ASP A 420 22.83 -19.73 -1.16
N ALA A 421 21.69 -19.76 -1.85
CA ALA A 421 21.44 -20.77 -2.87
C ALA A 421 22.39 -20.63 -4.04
N ASN A 422 22.72 -19.39 -4.45
CA ASN A 422 23.70 -19.19 -5.53
C ASN A 422 25.06 -19.72 -5.10
N LYS A 423 25.50 -19.34 -3.91
CA LYS A 423 26.76 -19.82 -3.38
C LYS A 423 26.71 -21.32 -3.28
N TYR A 424 25.60 -21.84 -2.85
CA TYR A 424 25.42 -23.30 -2.80
C TYR A 424 25.61 -23.94 -4.18
N PHE A 425 24.97 -23.35 -5.19
CA PHE A 425 25.03 -23.81 -6.59
C PHE A 425 26.44 -23.74 -7.16
N SER A 426 27.17 -22.68 -6.81
CA SER A 426 28.57 -22.52 -7.23
C SER A 426 29.50 -23.55 -6.62
N VAL A 427 29.33 -23.80 -5.33
CA VAL A 427 30.20 -24.72 -4.58
C VAL A 427 29.86 -26.19 -4.84
N GLN A 428 28.60 -26.49 -5.13
CA GLN A 428 28.21 -27.85 -5.55
C GLN A 428 28.46 -28.13 -7.04
N GLN A 429 28.70 -27.06 -7.83
CA GLN A 429 29.00 -27.11 -9.28
C GLN A 429 28.35 -28.27 -10.04
N PRO A 430 27.01 -28.24 -10.21
CA PRO A 430 26.31 -29.33 -10.90
C PRO A 430 26.63 -29.45 -12.40
N TRP A 431 27.04 -28.35 -13.04
CA TRP A 431 27.46 -28.34 -14.45
C TRP A 431 28.67 -29.27 -14.71
N VAL A 432 29.54 -29.42 -13.71
CA VAL A 432 30.59 -30.46 -13.73
C VAL A 432 29.98 -31.85 -13.55
N LEU A 433 29.18 -32.02 -12.50
CA LEU A 433 28.67 -33.34 -12.09
C LEU A 433 27.78 -34.03 -13.12
N ARG A 434 27.02 -33.25 -13.91
CA ARG A 434 26.17 -33.80 -15.00
C ARG A 434 26.98 -34.56 -16.05
N LYS A 435 28.23 -34.13 -16.26
CA LYS A 435 29.20 -34.82 -17.14
C LYS A 435 30.12 -35.75 -16.32
N SER A 436 29.57 -36.89 -15.90
CA SER A 436 30.32 -37.89 -15.12
C SER A 436 29.70 -39.28 -15.23
N GLU A 437 30.55 -40.30 -15.20
CA GLU A 437 30.14 -41.69 -15.44
C GLU A 437 29.71 -42.44 -14.18
N SER A 438 30.27 -42.07 -13.02
CA SER A 438 29.96 -42.73 -11.74
C SER A 438 28.55 -42.39 -11.25
N GLU A 439 27.80 -43.40 -10.79
CA GLU A 439 26.43 -43.20 -10.28
C GLU A 439 26.35 -42.42 -8.96
N ALA A 440 27.46 -42.31 -8.23
CA ALA A 440 27.52 -41.45 -7.04
C ALA A 440 27.31 -39.98 -7.42
N ASP A 441 28.16 -39.49 -8.33
CA ASP A 441 28.07 -38.10 -8.82
C ASP A 441 26.76 -37.80 -9.58
N GLN A 442 26.15 -38.81 -10.19
CA GLN A 442 24.85 -38.64 -10.87
C GLN A 442 23.69 -38.46 -9.89
N ALA A 443 23.69 -39.22 -8.79
CA ALA A 443 22.69 -39.05 -7.72
C ALA A 443 22.90 -37.71 -7.00
N ARG A 444 24.17 -37.39 -6.78
CA ARG A 444 24.59 -36.14 -6.16
C ARG A 444 24.23 -34.92 -7.04
N PHE A 445 24.35 -35.08 -8.36
CA PHE A 445 23.89 -34.07 -9.34
C PHE A 445 22.38 -33.89 -9.22
N ARG A 446 21.64 -35.00 -9.20
CA ARG A 446 20.18 -34.96 -9.06
C ARG A 446 19.72 -34.32 -7.75
N THR A 447 20.45 -34.56 -6.66
CA THR A 447 20.12 -34.01 -5.35
C THR A 447 20.30 -32.50 -5.32
N THR A 448 21.51 -32.03 -5.62
CA THR A 448 21.81 -30.58 -5.66
C THR A 448 20.82 -29.78 -6.52
N LEU A 449 20.45 -30.36 -7.64
CA LEU A 449 19.56 -29.72 -8.57
C LEU A 449 18.16 -29.62 -8.00
N TYR A 450 17.73 -30.68 -7.30
CA TYR A 450 16.43 -30.71 -6.64
C TYR A 450 16.32 -29.64 -5.58
N VAL A 451 17.38 -29.47 -4.80
CA VAL A 451 17.41 -28.47 -3.72
C VAL A 451 17.22 -27.07 -4.31
N THR A 452 18.00 -26.75 -5.35
CA THR A 452 17.93 -25.46 -6.03
C THR A 452 16.54 -25.14 -6.55
N CYS A 453 15.84 -26.13 -7.11
CA CYS A 453 14.47 -25.95 -7.55
C CYS A 453 13.49 -25.78 -6.41
N GLU A 454 13.64 -26.58 -5.36
CA GLU A 454 12.77 -26.51 -4.19
C GLU A 454 12.92 -25.19 -3.43
N VAL A 455 14.13 -24.63 -3.45
CA VAL A 455 14.40 -23.34 -2.87
C VAL A 455 13.77 -22.22 -3.69
N VAL A 456 14.02 -22.23 -5.00
CA VAL A 456 13.40 -21.28 -5.91
C VAL A 456 11.89 -21.33 -5.81
N ARG A 457 11.31 -22.53 -5.69
CA ARG A 457 9.85 -22.68 -5.56
C ARG A 457 9.32 -21.91 -4.36
N ILE A 458 10.02 -22.03 -3.23
CA ILE A 458 9.65 -21.33 -2.01
C ILE A 458 9.73 -19.81 -2.19
N ALA A 459 10.85 -19.33 -2.72
CA ALA A 459 11.00 -17.92 -3.06
C ALA A 459 9.84 -17.40 -3.93
N ALA A 460 9.45 -18.18 -4.95
CA ALA A 460 8.38 -17.79 -5.87
C ALA A 460 7.07 -17.61 -5.16
N LEU A 461 6.71 -18.61 -4.35
CA LEU A 461 5.50 -18.55 -3.54
C LEU A 461 5.46 -17.31 -2.66
N LEU A 462 6.55 -17.05 -1.95
CA LEU A 462 6.60 -15.91 -1.03
C LEU A 462 6.69 -14.55 -1.71
N ILE A 463 7.06 -14.52 -2.99
CA ILE A 463 7.20 -13.29 -3.77
C ILE A 463 5.93 -12.89 -4.54
N GLN A 464 4.97 -13.81 -4.65
CA GLN A 464 3.65 -13.51 -5.20
C GLN A 464 2.98 -12.20 -4.78
N PRO A 465 3.07 -11.80 -3.49
CA PRO A 465 2.50 -10.51 -3.07
C PRO A 465 3.13 -9.30 -3.73
N VAL A 466 4.45 -9.34 -3.91
CA VAL A 466 5.22 -8.24 -4.49
C VAL A 466 5.21 -8.29 -6.02
N MET A 467 5.48 -9.47 -6.57
CA MET A 467 5.54 -9.69 -8.01
C MET A 467 4.58 -10.79 -8.47
N PRO A 468 3.27 -10.52 -8.47
CA PRO A 468 2.30 -11.55 -8.88
C PRO A 468 2.60 -12.29 -10.22
N GLU A 469 2.81 -11.56 -11.32
CA GLU A 469 2.98 -12.20 -12.65
C GLU A 469 4.29 -12.97 -12.77
N SER A 470 5.38 -12.39 -12.31
CA SER A 470 6.70 -13.02 -12.40
C SER A 470 6.83 -14.22 -11.49
N ALA A 471 6.27 -14.13 -10.29
CA ALA A 471 6.17 -15.30 -9.39
C ALA A 471 5.40 -16.43 -10.07
N GLY A 472 4.20 -16.11 -10.59
CA GLY A 472 3.37 -17.06 -11.32
C GLY A 472 4.07 -17.68 -12.51
N LYS A 473 4.80 -16.87 -13.26
CA LYS A 473 5.59 -17.34 -14.38
C LYS A 473 6.60 -18.43 -13.95
N ILE A 474 7.29 -18.23 -12.82
CA ILE A 474 8.24 -19.22 -12.30
C ILE A 474 7.53 -20.51 -11.83
N LEU A 475 6.39 -20.36 -11.18
CA LEU A 475 5.63 -21.53 -10.71
C LEU A 475 5.08 -22.35 -11.87
N ASP A 476 4.69 -21.67 -12.96
CA ASP A 476 4.41 -22.34 -14.23
C ASP A 476 5.60 -23.21 -14.67
N LEU A 477 6.80 -22.62 -14.68
CA LEU A 477 8.04 -23.32 -15.07
C LEU A 477 8.42 -24.48 -14.15
N LEU A 478 7.93 -24.47 -12.90
CA LEU A 478 8.12 -25.58 -11.97
C LEU A 478 6.92 -26.53 -11.90
N GLY A 479 6.02 -26.43 -12.86
CA GLY A 479 4.94 -27.42 -13.02
C GLY A 479 3.84 -27.40 -11.99
N GLN A 480 3.73 -26.28 -11.27
CA GLN A 480 2.80 -26.17 -10.15
C GLN A 480 1.42 -25.83 -10.66
N ALA A 481 0.41 -26.52 -10.14
CA ALA A 481 -0.98 -26.32 -10.56
C ALA A 481 -1.53 -25.03 -9.98
N PRO A 482 -2.69 -24.56 -10.48
CA PRO A 482 -3.31 -23.37 -9.87
C PRO A 482 -3.86 -23.51 -8.42
N ASN A 483 -3.91 -24.73 -7.85
CA ASN A 483 -4.28 -24.93 -6.43
C ASN A 483 -3.09 -25.20 -5.48
N GLN A 484 -1.86 -25.17 -5.99
CA GLN A 484 -0.65 -25.35 -5.18
C GLN A 484 0.15 -24.05 -5.06
N ARG A 485 -0.52 -22.90 -4.99
CA ARG A 485 0.17 -21.61 -4.97
C ARG A 485 -0.15 -20.69 -3.78
N SER A 486 -0.88 -21.20 -2.79
CA SER A 486 -1.09 -20.49 -1.51
C SER A 486 0.08 -20.85 -0.59
N PHE A 487 0.17 -20.17 0.57
CA PHE A 487 1.26 -20.40 1.52
C PHE A 487 1.21 -21.77 2.23
N ALA A 488 0.07 -22.46 2.15
CA ALA A 488 0.01 -23.87 2.54
C ALA A 488 0.92 -24.74 1.67
N ALA A 489 1.04 -24.39 0.40
CA ALA A 489 1.93 -25.08 -0.54
C ALA A 489 3.42 -24.92 -0.23
N VAL A 490 3.79 -23.88 0.51
CA VAL A 490 5.17 -23.72 0.97
C VAL A 490 5.64 -24.95 1.78
N GLY A 491 4.75 -25.46 2.64
CA GLY A 491 5.02 -26.64 3.46
C GLY A 491 5.10 -27.96 2.72
N VAL A 492 4.56 -28.03 1.50
CA VAL A 492 4.52 -29.26 0.69
C VAL A 492 5.59 -29.22 -0.41
N ARG A 493 6.54 -30.15 -0.35
CA ARG A 493 7.70 -30.14 -1.23
C ARG A 493 7.40 -30.46 -2.70
N LEU A 494 8.33 -30.05 -3.56
CA LEU A 494 8.25 -30.22 -5.01
C LEU A 494 8.35 -31.71 -5.36
N THR A 495 7.28 -32.30 -5.89
CA THR A 495 7.24 -33.76 -6.10
C THR A 495 8.18 -34.17 -7.24
N PRO A 496 9.05 -35.15 -6.98
CA PRO A 496 9.88 -35.69 -8.06
C PRO A 496 9.05 -36.36 -9.16
N GLY A 497 9.42 -36.12 -10.42
CA GLY A 497 8.75 -36.68 -11.59
C GLY A 497 7.79 -35.74 -12.30
N THR A 498 7.55 -34.57 -11.72
CA THR A 498 6.69 -33.55 -12.33
C THR A 498 7.28 -33.11 -13.67
N ALA A 499 6.42 -32.92 -14.65
CA ALA A 499 6.84 -32.45 -15.97
C ALA A 499 6.99 -30.94 -15.93
N LEU A 500 8.18 -30.45 -16.28
CA LEU A 500 8.44 -29.02 -16.36
C LEU A 500 8.45 -28.60 -17.84
N PRO A 501 7.56 -27.69 -18.25
CA PRO A 501 7.57 -27.27 -19.66
C PRO A 501 8.88 -26.53 -20.02
N PRO A 502 9.20 -26.42 -21.33
CA PRO A 502 10.46 -25.85 -21.81
C PRO A 502 10.74 -24.43 -21.27
N PRO A 503 11.91 -24.22 -20.63
CA PRO A 503 12.28 -22.93 -20.04
C PRO A 503 12.17 -21.72 -20.97
N THR A 504 11.41 -20.71 -20.55
CA THR A 504 11.51 -19.36 -21.12
C THR A 504 11.96 -18.42 -20.00
N GLY A 505 12.61 -17.32 -20.38
CA GLY A 505 13.11 -16.35 -19.40
C GLY A 505 12.01 -15.63 -18.65
N VAL A 506 12.19 -15.47 -17.34
CA VAL A 506 11.22 -14.76 -16.48
C VAL A 506 11.33 -13.23 -16.60
N PHE A 507 12.55 -12.72 -16.77
CA PHE A 507 12.80 -11.29 -16.90
C PHE A 507 13.44 -10.94 -18.24
N PRO A 508 12.66 -11.03 -19.35
CA PRO A 508 13.19 -10.63 -20.66
C PRO A 508 13.34 -9.11 -20.72
N ARG A 509 14.44 -8.60 -20.18
CA ARG A 509 14.68 -7.15 -20.04
C ARG A 509 16.03 -6.93 -19.36
O ME8 B . -4.13 13.36 0.60
N1 ME8 B . 5.81 10.44 -1.91
O1 ME8 B . -4.96 13.38 -1.54
P1 ME8 B . -3.76 12.84 -2.42
C2 ME8 B . 5.24 9.63 -1.04
N2 ME8 B . -7.31 12.81 -0.63
N3 ME8 B . 3.94 9.62 -0.76
C4 ME8 B . 3.10 10.47 -1.38
C5 ME8 B . 3.65 11.38 -2.35
C6 ME8 B . 5.10 11.33 -2.61
N6 ME8 B . 5.72 12.15 -3.48
N7 ME8 B . 2.62 12.10 -2.81
C8 ME8 B . 1.50 11.68 -2.18
C9 ME8 B . -5.09 13.25 -0.11
N9 ME8 B . 1.81 10.70 -1.32
CA ME8 B . -6.43 13.02 0.47
CB ME8 B . -6.45 11.79 1.36
SD ME8 B . -7.77 10.01 2.81
CE ME8 B . -9.31 10.03 3.60
CG ME8 B . -7.86 11.32 1.66
C1' ME8 B . 0.84 10.00 -0.47
O1S ME8 B . -4.34 12.50 -3.74
C2' ME8 B . 0.27 10.94 0.56
O2' ME8 B . 0.72 10.68 1.88
O2S ME8 B . -2.58 13.79 -2.42
C3' ME8 B . -1.19 10.63 0.57
O3' ME8 B . -1.36 9.58 1.51
C4' ME8 B . -1.48 10.13 -0.81
O4' ME8 B . -0.24 9.65 -1.31
C5' ME8 B . -1.88 11.29 -1.66
O5' ME8 B . -3.28 11.50 -1.68
#